data_2Z0T
#
_entry.id   2Z0T
#
_cell.length_a   40.082
_cell.length_b   51.336
_cell.length_c   66.233
_cell.angle_alpha   108.09
_cell.angle_beta   90.02
_cell.angle_gamma   109.31
#
_symmetry.space_group_name_H-M   'P 1'
#
loop_
_entity.id
_entity.type
_entity.pdbx_description
1 polymer 'Putative uncharacterized protein PH0355'
2 water water
#
_entity_poly.entity_id   1
_entity_poly.type   'polypeptide(L)'
_entity_poly.pdbx_seq_one_letter_code
;MKWEMGLQEEYIELIKAGKKKIEGRLYDEKRRQIKPGDIIIFEGGKLKVKVKGIRVYSSFKEMLEKEGIENVLPGVKSIE
EGVKVYRQFYDEEREKKYGVVAIEIEPIE
;
_entity_poly.pdbx_strand_id   A,B,C,D
#
# COMPACT_ATOMS: atom_id res chain seq x y z
N MET A 1 9.08 2.47 -26.26
CA MET A 1 9.88 1.43 -26.96
C MET A 1 8.98 0.31 -27.48
N LYS A 2 9.43 -0.37 -28.54
CA LYS A 2 8.68 -1.48 -29.12
C LYS A 2 9.55 -2.71 -28.99
N TRP A 3 9.01 -3.76 -28.36
CA TRP A 3 9.76 -4.99 -28.17
C TRP A 3 9.18 -6.15 -28.96
N GLU A 4 10.04 -7.03 -29.43
CA GLU A 4 9.60 -8.20 -30.18
C GLU A 4 9.86 -9.47 -29.40
N MET A 5 8.87 -10.36 -29.36
CA MET A 5 9.05 -11.63 -28.70
C MET A 5 8.06 -12.65 -29.23
N GLY A 6 8.45 -13.92 -29.16
CA GLY A 6 7.60 -14.98 -29.65
C GLY A 6 6.44 -15.27 -28.74
N LEU A 7 5.39 -15.88 -29.29
CA LEU A 7 4.22 -16.23 -28.52
C LEU A 7 3.48 -17.37 -29.22
N GLN A 8 3.16 -18.41 -28.46
CA GLN A 8 2.46 -19.56 -29.02
C GLN A 8 1.09 -19.15 -29.54
N GLU A 9 0.66 -19.80 -30.62
CA GLU A 9 -0.61 -19.50 -31.25
C GLU A 9 -1.82 -19.46 -30.31
N GLU A 10 -1.94 -20.45 -29.43
CA GLU A 10 -3.08 -20.50 -28.53
C GLU A 10 -3.21 -19.25 -27.67
N TYR A 11 -2.09 -18.62 -27.34
CA TYR A 11 -2.12 -17.41 -26.52
C TYR A 11 -2.49 -16.18 -27.31
N ILE A 12 -2.14 -16.18 -28.60
CA ILE A 12 -2.46 -15.05 -29.45
C ILE A 12 -3.97 -14.84 -29.48
N GLU A 13 -4.71 -15.94 -29.63
CA GLU A 13 -6.16 -15.89 -29.68
C GLU A 13 -6.78 -15.45 -28.34
N LEU A 14 -6.27 -16.00 -27.24
CA LEU A 14 -6.78 -15.68 -25.92
C LEU A 14 -6.59 -14.21 -25.55
N ILE A 15 -5.49 -13.62 -26.01
CA ILE A 15 -5.22 -12.22 -25.74
C ILE A 15 -6.16 -11.36 -26.57
N LYS A 16 -6.32 -11.71 -27.85
CA LYS A 16 -7.20 -10.95 -28.72
C LYS A 16 -8.64 -10.97 -28.19
N ALA A 17 -9.03 -12.11 -27.62
CA ALA A 17 -10.38 -12.29 -27.08
C ALA A 17 -10.58 -11.63 -25.72
N GLY A 18 -9.50 -11.11 -25.14
CA GLY A 18 -9.62 -10.44 -23.85
C GLY A 18 -9.59 -11.35 -22.63
N LYS A 19 -9.32 -12.63 -22.84
CA LYS A 19 -9.27 -13.59 -21.73
C LYS A 19 -7.89 -13.56 -21.07
N LYS A 20 -6.84 -13.61 -21.89
CA LYS A 20 -5.48 -13.57 -21.37
C LYS A 20 -5.07 -12.10 -21.32
N LYS A 21 -5.05 -11.54 -20.11
CA LYS A 21 -4.72 -10.13 -19.93
C LYS A 21 -3.31 -9.93 -19.40
N ILE A 22 -2.64 -11.03 -19.08
CA ILE A 22 -1.30 -11.00 -18.52
C ILE A 22 -0.37 -11.93 -19.29
N GLU A 23 0.86 -11.49 -19.55
CA GLU A 23 1.84 -12.35 -20.20
C GLU A 23 2.95 -12.57 -19.19
N GLY A 24 3.16 -13.82 -18.82
CA GLY A 24 4.21 -14.15 -17.87
C GLY A 24 5.48 -14.51 -18.60
N ARG A 25 6.61 -14.01 -18.11
CA ARG A 25 7.91 -14.26 -18.71
C ARG A 25 8.97 -14.30 -17.61
N LEU A 26 10.16 -14.75 -17.96
CA LEU A 26 11.26 -14.73 -17.01
C LEU A 26 11.63 -13.25 -16.97
N TYR A 27 11.93 -12.73 -15.79
CA TYR A 27 12.33 -11.33 -15.66
C TYR A 27 13.81 -11.31 -16.01
N ASP A 28 14.13 -11.66 -17.25
CA ASP A 28 15.50 -11.71 -17.72
C ASP A 28 16.00 -10.38 -18.28
N GLU A 29 17.21 -10.39 -18.83
CA GLU A 29 17.81 -9.17 -19.37
C GLU A 29 16.92 -8.45 -20.38
N LYS A 30 16.30 -9.21 -21.27
CA LYS A 30 15.43 -8.63 -22.29
C LYS A 30 14.19 -8.00 -21.69
N ARG A 31 13.57 -8.69 -20.74
CA ARG A 31 12.36 -8.18 -20.10
C ARG A 31 12.61 -7.04 -19.10
N ARG A 32 13.83 -6.94 -18.59
CA ARG A 32 14.17 -5.90 -17.62
C ARG A 32 14.26 -4.48 -18.17
N GLN A 33 13.87 -4.30 -19.43
CA GLN A 33 13.93 -2.97 -20.02
C GLN A 33 12.57 -2.50 -20.49
N ILE A 34 11.54 -3.25 -20.10
CA ILE A 34 10.16 -2.95 -20.48
C ILE A 34 9.45 -2.14 -19.41
N LYS A 35 8.66 -1.15 -19.83
CA LYS A 35 7.92 -0.33 -18.89
C LYS A 35 6.55 0.02 -19.47
N PRO A 36 5.58 0.35 -18.59
CA PRO A 36 4.24 0.70 -19.08
C PRO A 36 4.38 1.81 -20.13
N GLY A 37 3.62 1.68 -21.21
CA GLY A 37 3.71 2.67 -22.28
C GLY A 37 4.39 2.06 -23.50
N ASP A 38 5.18 1.03 -23.27
CA ASP A 38 5.88 0.34 -24.36
C ASP A 38 4.92 -0.52 -25.14
N ILE A 39 5.37 -0.99 -26.30
CA ILE A 39 4.58 -1.84 -27.16
C ILE A 39 5.31 -3.16 -27.37
N ILE A 40 4.55 -4.25 -27.41
CA ILE A 40 5.14 -5.56 -27.67
C ILE A 40 4.57 -6.13 -28.95
N ILE A 41 5.45 -6.54 -29.85
CA ILE A 41 5.05 -7.15 -31.12
C ILE A 41 5.27 -8.65 -30.94
N PHE A 42 4.17 -9.40 -30.91
CA PHE A 42 4.25 -10.85 -30.72
C PHE A 42 4.29 -11.67 -32.01
N GLU A 43 5.10 -12.71 -31.99
CA GLU A 43 5.24 -13.65 -33.09
C GLU A 43 5.26 -13.06 -34.49
N GLY A 44 6.26 -12.22 -34.75
CA GLY A 44 6.40 -11.61 -36.06
C GLY A 44 5.26 -10.78 -36.58
N GLY A 45 4.53 -10.10 -35.68
CA GLY A 45 3.44 -9.26 -36.11
C GLY A 45 2.03 -9.83 -36.06
N LYS A 46 1.90 -11.06 -35.58
CA LYS A 46 0.58 -11.67 -35.49
C LYS A 46 -0.30 -10.96 -34.45
N LEU A 47 0.33 -10.22 -33.56
CA LEU A 47 -0.39 -9.50 -32.51
C LEU A 47 0.47 -8.40 -31.91
N LYS A 48 -0.13 -7.25 -31.67
CA LYS A 48 0.55 -6.11 -31.08
C LYS A 48 -0.21 -5.73 -29.82
N VAL A 49 0.50 -5.47 -28.73
CA VAL A 49 -0.16 -5.10 -27.49
C VAL A 49 0.53 -3.93 -26.81
N LYS A 50 -0.23 -3.22 -25.99
CA LYS A 50 0.30 -2.09 -25.24
C LYS A 50 0.60 -2.61 -23.83
N VAL A 51 1.73 -2.20 -23.26
CA VAL A 51 2.10 -2.63 -21.90
C VAL A 51 1.44 -1.66 -20.93
N LYS A 52 0.57 -2.18 -20.08
CA LYS A 52 -0.15 -1.36 -19.11
C LYS A 52 0.41 -1.46 -17.70
N GLY A 53 1.15 -2.53 -17.42
CA GLY A 53 1.71 -2.70 -16.09
C GLY A 53 2.81 -3.75 -16.04
N ILE A 54 3.67 -3.65 -15.02
CA ILE A 54 4.78 -4.57 -14.82
C ILE A 54 4.86 -4.95 -13.34
N ARG A 55 4.72 -6.22 -13.03
CA ARG A 55 4.79 -6.71 -11.66
C ARG A 55 5.73 -7.91 -11.61
N VAL A 56 6.75 -7.82 -10.75
CA VAL A 56 7.77 -8.87 -10.66
C VAL A 56 7.64 -9.76 -9.41
N TYR A 57 7.81 -11.06 -9.62
CA TYR A 57 7.70 -12.07 -8.57
C TYR A 57 8.96 -12.93 -8.51
N SER A 58 9.08 -13.72 -7.45
CA SER A 58 10.24 -14.60 -7.30
C SER A 58 10.02 -15.92 -8.03
N SER A 59 8.77 -16.23 -8.37
CA SER A 59 8.48 -17.49 -9.04
C SER A 59 7.18 -17.46 -9.85
N PHE A 60 7.02 -18.43 -10.73
CA PHE A 60 5.82 -18.52 -11.54
C PHE A 60 4.62 -18.85 -10.65
N LYS A 61 4.86 -19.67 -9.64
CA LYS A 61 3.81 -20.05 -8.70
C LYS A 61 3.21 -18.80 -8.04
N GLU A 62 4.07 -17.96 -7.48
CA GLU A 62 3.62 -16.73 -6.84
C GLU A 62 2.95 -15.76 -7.81
N MET A 63 3.52 -15.64 -9.00
CA MET A 63 2.95 -14.77 -10.01
C MET A 63 1.52 -15.23 -10.36
N LEU A 64 1.35 -16.53 -10.56
CA LEU A 64 0.03 -17.06 -10.89
C LEU A 64 -0.99 -16.88 -9.77
N GLU A 65 -0.56 -17.07 -8.53
CA GLU A 65 -1.47 -16.93 -7.39
C GLU A 65 -1.95 -15.49 -7.22
N LYS A 66 -1.04 -14.54 -7.46
CA LYS A 66 -1.35 -13.11 -7.31
C LYS A 66 -2.13 -12.56 -8.50
N GLU A 67 -1.74 -12.94 -9.71
CA GLU A 67 -2.39 -12.45 -10.92
C GLU A 67 -3.69 -13.19 -11.27
N GLY A 68 -3.86 -14.40 -10.74
CA GLY A 68 -5.04 -15.17 -11.04
C GLY A 68 -4.73 -15.99 -12.28
N ILE A 69 -4.66 -17.31 -12.11
CA ILE A 69 -4.33 -18.18 -13.23
C ILE A 69 -5.22 -18.02 -14.46
N GLU A 70 -6.49 -17.73 -14.25
CA GLU A 70 -7.41 -17.56 -15.37
C GLU A 70 -7.04 -16.38 -16.26
N ASN A 71 -6.41 -15.37 -15.67
CA ASN A 71 -6.01 -14.18 -16.42
C ASN A 71 -4.68 -14.35 -17.12
N VAL A 72 -3.93 -15.38 -16.74
CA VAL A 72 -2.62 -15.63 -17.32
C VAL A 72 -2.62 -16.82 -18.28
N LEU A 73 -3.20 -17.93 -17.81
CA LEU A 73 -3.27 -19.15 -18.60
C LEU A 73 -4.72 -19.65 -18.59
N PRO A 74 -5.58 -19.01 -19.39
CA PRO A 74 -7.00 -19.38 -19.48
C PRO A 74 -7.20 -20.88 -19.70
N GLY A 75 -8.06 -21.50 -18.90
CA GLY A 75 -8.32 -22.92 -19.06
C GLY A 75 -7.57 -23.82 -18.09
N VAL A 76 -6.40 -23.39 -17.64
CA VAL A 76 -5.62 -24.18 -16.70
C VAL A 76 -6.30 -24.15 -15.33
N LYS A 77 -6.66 -25.33 -14.84
CA LYS A 77 -7.38 -25.45 -13.58
C LYS A 77 -6.60 -25.31 -12.27
N SER A 78 -5.31 -25.64 -12.27
CA SER A 78 -4.54 -25.52 -11.04
C SER A 78 -3.22 -24.79 -11.21
N ILE A 79 -2.71 -24.27 -10.10
CA ILE A 79 -1.45 -23.56 -10.08
C ILE A 79 -0.33 -24.51 -10.44
N GLU A 80 -0.45 -25.77 -10.02
CA GLU A 80 0.56 -26.78 -10.32
C GLU A 80 0.65 -26.96 -11.82
N GLU A 81 -0.50 -27.06 -12.48
CA GLU A 81 -0.55 -27.21 -13.93
C GLU A 81 0.07 -25.97 -14.56
N GLY A 82 -0.26 -24.80 -14.00
CA GLY A 82 0.27 -23.56 -14.52
C GLY A 82 1.79 -23.58 -14.51
N VAL A 83 2.37 -23.95 -13.38
CA VAL A 83 3.83 -24.00 -13.27
C VAL A 83 4.42 -24.96 -14.31
N LYS A 84 3.72 -26.06 -14.57
CA LYS A 84 4.18 -27.03 -15.57
C LYS A 84 4.26 -26.40 -16.94
N VAL A 85 3.27 -25.56 -17.26
CA VAL A 85 3.25 -24.89 -18.55
C VAL A 85 4.54 -24.09 -18.74
N TYR A 86 4.91 -23.32 -17.73
CA TYR A 86 6.12 -22.51 -17.79
C TYR A 86 7.40 -23.34 -17.79
N ARG A 87 7.38 -24.48 -17.11
CA ARG A 87 8.55 -25.33 -17.04
C ARG A 87 8.97 -25.85 -18.41
N GLN A 88 8.01 -25.88 -19.34
CA GLN A 88 8.31 -26.36 -20.68
C GLN A 88 9.16 -25.32 -21.40
N PHE A 89 9.06 -24.07 -20.96
CA PHE A 89 9.82 -22.97 -21.56
C PHE A 89 11.02 -22.54 -20.73
N TYR A 90 10.85 -22.51 -19.41
CA TYR A 90 11.89 -22.04 -18.52
C TYR A 90 12.28 -22.99 -17.40
N ASP A 91 13.57 -23.25 -17.28
CA ASP A 91 14.07 -24.14 -16.24
C ASP A 91 14.13 -23.43 -14.89
N GLU A 92 14.17 -24.23 -13.84
CA GLU A 92 14.21 -23.71 -12.47
C GLU A 92 15.43 -22.84 -12.17
N GLU A 93 16.57 -23.16 -12.74
CA GLU A 93 17.76 -22.35 -12.50
C GLU A 93 17.57 -20.91 -12.99
N ARG A 94 16.98 -20.76 -14.17
CA ARG A 94 16.72 -19.43 -14.73
C ARG A 94 15.68 -18.69 -13.90
N GLU A 95 14.65 -19.43 -13.47
CA GLU A 95 13.58 -18.85 -12.66
C GLU A 95 14.16 -18.27 -11.37
N LYS A 96 15.01 -19.04 -10.71
CA LYS A 96 15.64 -18.61 -9.47
C LYS A 96 16.62 -17.45 -9.69
N LYS A 97 17.31 -17.47 -10.82
CA LYS A 97 18.28 -16.43 -11.14
C LYS A 97 17.70 -15.07 -11.52
N TYR A 98 16.62 -15.08 -12.29
CA TYR A 98 16.01 -13.83 -12.77
C TYR A 98 14.71 -13.39 -12.12
N GLY A 99 13.92 -14.33 -11.64
CA GLY A 99 12.64 -13.97 -11.07
C GLY A 99 11.64 -14.04 -12.23
N VAL A 100 10.38 -13.72 -11.97
CA VAL A 100 9.34 -13.79 -12.99
C VAL A 100 8.58 -12.48 -13.11
N VAL A 101 8.22 -12.10 -14.33
CA VAL A 101 7.50 -10.86 -14.53
C VAL A 101 6.12 -11.06 -15.15
N ALA A 102 5.14 -10.35 -14.61
CA ALA A 102 3.78 -10.39 -15.11
C ALA A 102 3.61 -9.09 -15.90
N ILE A 103 3.46 -9.20 -17.21
CA ILE A 103 3.29 -8.02 -18.06
C ILE A 103 1.80 -7.82 -18.35
N GLU A 104 1.23 -6.75 -17.81
CA GLU A 104 -0.20 -6.46 -18.03
C GLU A 104 -0.29 -5.91 -19.44
N ILE A 105 -1.07 -6.58 -20.28
CA ILE A 105 -1.21 -6.18 -21.68
C ILE A 105 -2.61 -5.92 -22.19
N GLU A 106 -2.69 -5.11 -23.24
CA GLU A 106 -3.95 -4.74 -23.88
C GLU A 106 -3.73 -4.83 -25.39
N PRO A 107 -4.55 -5.64 -26.08
CA PRO A 107 -4.43 -5.81 -27.53
C PRO A 107 -4.64 -4.50 -28.30
N ILE A 108 -3.85 -4.30 -29.35
CA ILE A 108 -3.98 -3.12 -30.19
C ILE A 108 -4.55 -3.57 -31.53
N GLU A 109 -5.66 -2.96 -31.95
CA GLU A 109 -6.29 -3.33 -33.20
C GLU A 109 -5.51 -2.83 -34.41
N MET B 1 20.83 -11.90 -4.29
CA MET B 1 21.95 -10.92 -4.45
C MET B 1 21.75 -9.74 -3.50
N LYS B 2 22.85 -9.05 -3.20
CA LYS B 2 22.84 -7.89 -2.32
C LYS B 2 23.21 -6.63 -3.11
N TRP B 3 22.44 -5.56 -2.91
CA TRP B 3 22.70 -4.30 -3.62
C TRP B 3 22.94 -3.18 -2.63
N GLU B 4 23.82 -2.26 -3.00
CA GLU B 4 24.15 -1.09 -2.16
C GLU B 4 23.56 0.16 -2.82
N MET B 5 22.76 0.92 -2.08
CA MET B 5 22.22 2.17 -2.63
C MET B 5 21.96 3.19 -1.54
N GLY B 6 22.08 4.46 -1.90
CA GLY B 6 21.88 5.53 -0.94
C GLY B 6 20.44 5.72 -0.53
N LEU B 7 20.25 6.36 0.63
CA LEU B 7 18.92 6.64 1.14
C LEU B 7 18.97 7.81 2.12
N GLN B 8 18.10 8.79 1.92
CA GLN B 8 18.03 9.96 2.81
C GLN B 8 17.79 9.44 4.23
N GLU B 9 18.45 10.07 5.20
CA GLU B 9 18.33 9.68 6.59
C GLU B 9 16.90 9.65 7.11
N GLU B 10 16.08 10.62 6.70
CA GLU B 10 14.70 10.71 7.14
C GLU B 10 13.85 9.48 6.88
N TYR B 11 14.17 8.74 5.82
CA TYR B 11 13.40 7.56 5.46
C TYR B 11 13.74 6.29 6.24
N ILE B 12 14.89 6.29 6.90
CA ILE B 12 15.32 5.13 7.67
C ILE B 12 14.32 4.74 8.75
N GLU B 13 13.97 5.69 9.62
CA GLU B 13 13.03 5.42 10.69
C GLU B 13 11.64 5.05 10.17
N LEU B 14 11.24 5.66 9.06
CA LEU B 14 9.94 5.37 8.47
C LEU B 14 9.87 3.93 7.97
N ILE B 15 10.97 3.40 7.46
CA ILE B 15 10.99 2.03 6.98
C ILE B 15 10.98 1.08 8.19
N LYS B 16 11.81 1.36 9.18
CA LYS B 16 11.87 0.52 10.36
C LYS B 16 10.51 0.44 11.06
N ALA B 17 9.78 1.55 11.05
CA ALA B 17 8.46 1.61 11.70
C ALA B 17 7.38 0.89 10.92
N GLY B 18 7.63 0.64 9.63
CA GLY B 18 6.65 -0.04 8.81
C GLY B 18 5.75 0.92 8.08
N LYS B 19 6.09 2.20 8.11
CA LYS B 19 5.31 3.24 7.43
C LYS B 19 5.67 3.21 5.94
N LYS B 20 6.97 3.33 5.67
CA LYS B 20 7.46 3.32 4.30
C LYS B 20 7.76 1.87 3.93
N LYS B 21 6.92 1.31 3.06
CA LYS B 21 7.08 -0.08 2.63
C LYS B 21 7.51 -0.17 1.18
N ILE B 22 7.63 1.00 0.54
CA ILE B 22 8.02 1.05 -0.86
C ILE B 22 9.12 2.07 -1.06
N GLU B 23 10.12 1.73 -1.88
CA GLU B 23 11.18 2.67 -2.19
C GLU B 23 11.03 2.97 -3.68
N GLY B 24 10.78 4.23 -3.98
CA GLY B 24 10.60 4.65 -5.36
C GLY B 24 11.90 5.24 -5.87
N ARG B 25 12.26 4.90 -7.09
CA ARG B 25 13.50 5.40 -7.70
C ARG B 25 13.34 5.34 -9.22
N LEU B 26 14.35 5.82 -9.92
CA LEU B 26 14.33 5.74 -11.38
C LEU B 26 14.58 4.27 -11.68
N TYR B 27 13.99 3.77 -12.76
CA TYR B 27 14.20 2.38 -13.16
C TYR B 27 15.45 2.44 -14.03
N ASP B 28 16.56 2.75 -13.36
CA ASP B 28 17.86 2.90 -14.01
C ASP B 28 18.68 1.62 -14.11
N GLU B 29 19.92 1.74 -14.57
CA GLU B 29 20.75 0.55 -14.74
C GLU B 29 20.85 -0.38 -13.54
N LYS B 30 21.12 0.17 -12.36
CA LYS B 30 21.22 -0.66 -11.17
C LYS B 30 19.86 -1.20 -10.72
N ARG B 31 18.84 -0.34 -10.76
CA ARG B 31 17.51 -0.76 -10.33
C ARG B 31 16.84 -1.78 -11.27
N ARG B 32 17.37 -1.96 -12.47
CA ARG B 32 16.81 -2.92 -13.42
C ARG B 32 17.40 -4.31 -13.21
N GLN B 33 18.27 -4.45 -12.20
CA GLN B 33 18.91 -5.74 -11.93
C GLN B 33 18.44 -6.40 -10.65
N ILE B 34 17.48 -5.77 -9.97
CA ILE B 34 16.97 -6.28 -8.71
C ILE B 34 15.79 -7.23 -8.90
N LYS B 35 15.71 -8.23 -8.02
CA LYS B 35 14.62 -9.20 -8.08
C LYS B 35 14.14 -9.53 -6.66
N PRO B 36 12.88 -9.96 -6.52
CA PRO B 36 12.36 -10.31 -5.20
C PRO B 36 13.24 -11.37 -4.54
N GLY B 37 13.57 -11.16 -3.27
CA GLY B 37 14.43 -12.09 -2.58
C GLY B 37 15.81 -11.50 -2.34
N ASP B 38 16.17 -10.51 -3.16
CA ASP B 38 17.46 -9.85 -3.03
C ASP B 38 17.46 -9.00 -1.77
N ILE B 39 18.64 -8.58 -1.36
CA ILE B 39 18.80 -7.75 -0.17
C ILE B 39 19.35 -6.39 -0.58
N ILE B 40 18.85 -5.33 0.05
CA ILE B 40 19.34 -4.00 -0.24
C ILE B 40 19.96 -3.42 1.02
N ILE B 41 21.19 -2.93 0.89
CA ILE B 41 21.91 -2.30 1.98
C ILE B 41 21.82 -0.80 1.71
N PHE B 42 21.08 -0.09 2.55
CA PHE B 42 20.89 1.35 2.39
C PHE B 42 21.94 2.20 3.10
N GLU B 43 22.43 3.20 2.39
CA GLU B 43 23.39 4.17 2.92
C GLU B 43 24.54 3.55 3.70
N GLY B 44 25.27 2.65 3.06
CA GLY B 44 26.41 2.02 3.69
C GLY B 44 26.13 1.12 4.88
N GLY B 45 24.87 0.77 5.11
CA GLY B 45 24.57 -0.11 6.22
C GLY B 45 23.67 0.44 7.32
N LYS B 46 23.19 1.66 7.16
CA LYS B 46 22.32 2.24 8.19
C LYS B 46 21.00 1.47 8.28
N LEU B 47 20.69 0.71 7.23
CA LEU B 47 19.46 -0.09 7.19
C LEU B 47 19.55 -1.16 6.12
N LYS B 48 19.10 -2.36 6.45
CA LYS B 48 19.09 -3.47 5.51
C LYS B 48 17.65 -3.96 5.35
N VAL B 49 17.25 -4.26 4.12
CA VAL B 49 15.91 -4.73 3.84
C VAL B 49 15.88 -5.85 2.84
N LYS B 50 14.79 -6.60 2.83
CA LYS B 50 14.62 -7.69 1.88
C LYS B 50 13.64 -7.19 0.82
N VAL B 51 13.92 -7.50 -0.45
CA VAL B 51 13.02 -7.07 -1.52
C VAL B 51 11.90 -8.10 -1.62
N LYS B 52 10.66 -7.62 -1.53
CA LYS B 52 9.49 -8.50 -1.59
C LYS B 52 8.76 -8.50 -2.93
N GLY B 53 8.92 -7.42 -3.68
CA GLY B 53 8.25 -7.31 -4.96
C GLY B 53 8.74 -6.09 -5.69
N ILE B 54 8.48 -6.05 -6.99
CA ILE B 54 8.91 -4.93 -7.80
C ILE B 54 7.85 -4.56 -8.84
N ARG B 55 7.53 -3.27 -8.93
CA ARG B 55 6.59 -2.80 -9.92
C ARG B 55 7.29 -1.71 -10.71
N VAL B 56 6.96 -1.59 -11.99
CA VAL B 56 7.54 -0.58 -12.85
C VAL B 56 6.42 0.29 -13.42
N TYR B 57 6.65 1.61 -13.40
CA TYR B 57 5.66 2.58 -13.88
C TYR B 57 6.26 3.53 -14.91
N SER B 58 5.41 4.28 -15.58
CA SER B 58 5.89 5.22 -16.59
C SER B 58 6.25 6.58 -15.99
N SER B 59 5.77 6.84 -14.77
CA SER B 59 6.05 8.12 -14.13
C SER B 59 5.95 8.04 -12.61
N PHE B 60 6.49 9.04 -11.93
CA PHE B 60 6.43 9.08 -10.48
C PHE B 60 4.99 9.32 -10.06
N LYS B 61 4.28 10.11 -10.86
CA LYS B 61 2.87 10.39 -10.56
C LYS B 61 2.08 9.08 -10.55
N GLU B 62 2.26 8.27 -11.60
CA GLU B 62 1.55 7.00 -11.68
C GLU B 62 1.96 6.07 -10.54
N MET B 63 3.25 6.03 -10.23
CA MET B 63 3.73 5.17 -9.16
C MET B 63 3.10 5.53 -7.83
N LEU B 64 3.07 6.83 -7.52
CA LEU B 64 2.50 7.29 -6.25
C LEU B 64 1.00 7.04 -6.14
N GLU B 65 0.26 7.28 -7.22
CA GLU B 65 -1.18 7.08 -7.18
C GLU B 65 -1.53 5.60 -7.05
N LYS B 66 -0.71 4.74 -7.65
CA LYS B 66 -0.98 3.30 -7.59
C LYS B 66 -0.43 2.59 -6.35
N GLU B 67 0.74 3.01 -5.87
CA GLU B 67 1.35 2.40 -4.69
C GLU B 67 0.87 3.05 -3.40
N GLY B 68 0.49 4.33 -3.50
CA GLY B 68 0.00 5.05 -2.34
C GLY B 68 1.05 5.93 -1.66
N ILE B 69 0.78 7.24 -1.62
CA ILE B 69 1.70 8.19 -1.01
C ILE B 69 2.18 7.78 0.38
N GLU B 70 1.26 7.32 1.21
CA GLU B 70 1.61 6.93 2.57
C GLU B 70 2.56 5.75 2.67
N ASN B 71 2.59 4.92 1.64
CA ASN B 71 3.46 3.75 1.64
C ASN B 71 4.84 4.07 1.07
N VAL B 72 4.94 5.17 0.34
CA VAL B 72 6.21 5.56 -0.29
C VAL B 72 6.87 6.79 0.36
N LEU B 73 6.10 7.85 0.52
CA LEU B 73 6.60 9.08 1.13
C LEU B 73 5.65 9.46 2.27
N PRO B 74 5.76 8.75 3.40
CA PRO B 74 4.91 9.03 4.56
C PRO B 74 4.90 10.51 4.94
N GLY B 75 3.72 11.05 5.18
CA GLY B 75 3.63 12.45 5.58
C GLY B 75 3.38 13.44 4.45
N VAL B 76 3.77 13.08 3.22
CA VAL B 76 3.54 13.98 2.09
C VAL B 76 2.03 14.11 1.91
N LYS B 77 1.56 15.35 1.74
CA LYS B 77 0.13 15.61 1.65
C LYS B 77 -0.58 15.54 0.30
N SER B 78 0.16 15.46 -0.79
CA SER B 78 -0.46 15.40 -2.12
C SER B 78 0.42 14.71 -3.14
N ILE B 79 -0.20 14.23 -4.21
CA ILE B 79 0.53 13.56 -5.29
C ILE B 79 1.49 14.57 -5.89
N GLU B 80 1.01 15.80 -6.04
CA GLU B 80 1.81 16.88 -6.61
C GLU B 80 3.07 17.12 -5.78
N GLU B 81 2.92 17.15 -4.45
CA GLU B 81 4.07 17.35 -3.58
C GLU B 81 5.01 16.16 -3.65
N GLY B 82 4.44 14.98 -3.83
CA GLY B 82 5.24 13.78 -3.93
C GLY B 82 6.12 13.83 -5.18
N VAL B 83 5.55 14.27 -6.29
CA VAL B 83 6.31 14.36 -7.54
C VAL B 83 7.45 15.37 -7.35
N LYS B 84 7.16 16.46 -6.65
CA LYS B 84 8.16 17.50 -6.41
C LYS B 84 9.36 16.91 -5.65
N VAL B 85 9.09 15.97 -4.75
CA VAL B 85 10.14 15.33 -3.98
C VAL B 85 11.12 14.65 -4.93
N TYR B 86 10.58 13.91 -5.90
CA TYR B 86 11.40 13.22 -6.88
C TYR B 86 12.07 14.16 -7.87
N ARG B 87 11.39 15.24 -8.23
CA ARG B 87 11.92 16.19 -9.19
C ARG B 87 13.20 16.84 -8.66
N GLN B 88 13.39 16.80 -7.36
CA GLN B 88 14.60 17.37 -6.76
C GLN B 88 15.83 16.56 -7.19
N PHE B 89 15.60 15.33 -7.58
CA PHE B 89 16.70 14.45 -7.98
C PHE B 89 16.67 14.00 -9.44
N TYR B 90 15.47 13.92 -10.01
CA TYR B 90 15.33 13.44 -11.39
C TYR B 90 14.48 14.34 -12.28
N ASP B 91 15.03 14.72 -13.42
CA ASP B 91 14.33 15.57 -14.37
C ASP B 91 13.30 14.73 -15.13
N GLU B 92 12.33 15.39 -15.75
CA GLU B 92 11.29 14.71 -16.51
C GLU B 92 11.88 13.85 -17.62
N GLU B 93 12.97 14.34 -18.21
CA GLU B 93 13.61 13.63 -19.32
C GLU B 93 14.08 12.23 -18.91
N ARG B 94 14.81 12.13 -17.80
CA ARG B 94 15.29 10.82 -17.35
C ARG B 94 14.11 9.95 -16.91
N GLU B 95 13.14 10.58 -16.27
CA GLU B 95 11.95 9.87 -15.81
C GLU B 95 11.24 9.18 -16.96
N LYS B 96 11.07 9.89 -18.07
CA LYS B 96 10.40 9.33 -19.24
C LYS B 96 11.26 8.25 -19.90
N LYS B 97 12.55 8.52 -19.99
CA LYS B 97 13.50 7.61 -20.60
C LYS B 97 13.59 6.26 -19.89
N TYR B 98 13.79 6.29 -18.57
CA TYR B 98 13.94 5.08 -17.78
C TYR B 98 12.70 4.43 -17.21
N GLY B 99 11.73 5.25 -16.84
CA GLY B 99 10.54 4.71 -16.20
C GLY B 99 10.84 4.82 -14.73
N VAL B 100 9.88 4.42 -13.88
CA VAL B 100 10.03 4.51 -12.44
C VAL B 100 9.80 3.16 -11.77
N VAL B 101 10.61 2.84 -10.78
CA VAL B 101 10.46 1.57 -10.09
C VAL B 101 9.94 1.74 -8.67
N ALA B 102 9.13 0.78 -8.24
CA ALA B 102 8.61 0.76 -6.88
C ALA B 102 9.14 -0.54 -6.32
N ILE B 103 10.02 -0.46 -5.32
CA ILE B 103 10.61 -1.66 -4.71
C ILE B 103 9.90 -1.92 -3.38
N GLU B 104 9.17 -3.03 -3.30
CA GLU B 104 8.47 -3.40 -2.08
C GLU B 104 9.57 -3.92 -1.14
N ILE B 105 9.69 -3.32 0.03
CA ILE B 105 10.75 -3.70 0.97
C ILE B 105 10.25 -4.01 2.38
N GLU B 106 11.01 -4.83 3.09
CA GLU B 106 10.69 -5.21 4.46
C GLU B 106 11.99 -5.13 5.27
N PRO B 107 11.98 -4.39 6.40
CA PRO B 107 13.20 -4.28 7.22
C PRO B 107 13.68 -5.63 7.72
N ILE B 108 14.99 -5.79 7.84
CA ILE B 108 15.56 -7.03 8.34
C ILE B 108 16.02 -6.77 9.77
N MET C 1 -13.52 -9.06 18.16
CA MET C 1 -14.89 -8.83 17.63
C MET C 1 -14.98 -9.26 16.17
N LYS C 2 -16.13 -9.81 15.79
CA LYS C 2 -16.35 -10.25 14.42
C LYS C 2 -17.44 -9.38 13.82
N TRP C 3 -17.15 -8.77 12.68
CA TRP C 3 -18.12 -7.91 12.02
C TRP C 3 -18.57 -8.50 10.71
N GLU C 4 -19.79 -8.14 10.30
CA GLU C 4 -20.35 -8.61 9.04
C GLU C 4 -20.68 -7.42 8.15
N MET C 5 -20.32 -7.51 6.88
CA MET C 5 -20.63 -6.46 5.92
C MET C 5 -20.65 -7.03 4.51
N GLY C 6 -21.41 -6.39 3.63
CA GLY C 6 -21.49 -6.88 2.27
C GLY C 6 -20.25 -6.54 1.46
N LEU C 7 -20.05 -7.25 0.36
CA LEU C 7 -18.92 -6.99 -0.52
C LEU C 7 -19.24 -7.53 -1.90
N GLN C 8 -19.01 -6.73 -2.94
CA GLN C 8 -19.27 -7.16 -4.29
C GLN C 8 -18.37 -8.34 -4.66
N GLU C 9 -18.92 -9.26 -5.45
CA GLU C 9 -18.20 -10.47 -5.86
C GLU C 9 -16.80 -10.23 -6.43
N GLU C 10 -16.67 -9.23 -7.29
CA GLU C 10 -15.39 -8.92 -7.92
C GLU C 10 -14.25 -8.70 -6.93
N TYR C 11 -14.57 -8.14 -5.76
CA TYR C 11 -13.55 -7.87 -4.77
C TYR C 11 -13.13 -9.09 -3.96
N ILE C 12 -14.00 -10.10 -3.89
CA ILE C 12 -13.69 -11.31 -3.14
C ILE C 12 -12.44 -11.99 -3.71
N GLU C 13 -12.40 -12.17 -5.02
CA GLU C 13 -11.25 -12.83 -5.65
C GLU C 13 -9.97 -12.00 -5.54
N LEU C 14 -10.09 -10.69 -5.68
CA LEU C 14 -8.93 -9.81 -5.59
C LEU C 14 -8.30 -9.83 -4.21
N ILE C 15 -9.14 -10.01 -3.18
CA ILE C 15 -8.61 -10.08 -1.82
C ILE C 15 -7.96 -11.43 -1.61
N LYS C 16 -8.61 -12.50 -2.07
CA LYS C 16 -8.05 -13.83 -1.92
C LYS C 16 -6.71 -13.94 -2.65
N ALA C 17 -6.60 -13.22 -3.76
CA ALA C 17 -5.38 -13.23 -4.57
C ALA C 17 -4.25 -12.42 -3.93
N GLY C 18 -4.61 -11.51 -3.03
CA GLY C 18 -3.60 -10.70 -2.37
C GLY C 18 -3.35 -9.35 -3.00
N LYS C 19 -4.14 -8.99 -4.01
CA LYS C 19 -3.98 -7.70 -4.67
C LYS C 19 -4.69 -6.61 -3.86
N LYS C 20 -5.94 -6.87 -3.50
CA LYS C 20 -6.71 -5.91 -2.71
C LYS C 20 -6.45 -6.20 -1.23
N LYS C 21 -5.65 -5.34 -0.61
CA LYS C 21 -5.29 -5.52 0.80
C LYS C 21 -5.97 -4.45 1.65
N ILE C 22 -6.72 -3.58 1.01
CA ILE C 22 -7.41 -2.50 1.71
C ILE C 22 -8.88 -2.48 1.32
N GLU C 23 -9.76 -2.38 2.31
CA GLU C 23 -11.18 -2.26 2.04
C GLU C 23 -11.56 -0.86 2.50
N GLY C 24 -12.01 -0.04 1.56
CA GLY C 24 -12.40 1.32 1.87
C GLY C 24 -13.89 1.39 2.16
N ARG C 25 -14.26 2.17 3.17
CA ARG C 25 -15.66 2.34 3.58
C ARG C 25 -15.82 3.71 4.18
N LEU C 26 -17.07 4.10 4.44
CA LEU C 26 -17.32 5.36 5.10
C LEU C 26 -16.93 5.07 6.55
N TYR C 27 -16.35 6.06 7.22
CA TYR C 27 -15.96 5.90 8.62
C TYR C 27 -17.21 6.24 9.43
N ASP C 28 -18.25 5.44 9.21
CA ASP C 28 -19.54 5.64 9.87
C ASP C 28 -19.62 4.96 11.24
N GLU C 29 -20.80 4.99 11.85
CA GLU C 29 -20.98 4.41 13.16
C GLU C 29 -20.57 2.93 13.25
N LYS C 30 -20.92 2.15 12.24
CA LYS C 30 -20.56 0.73 12.23
C LYS C 30 -19.06 0.53 12.14
N ARG C 31 -18.42 1.27 11.23
CA ARG C 31 -16.99 1.14 11.03
C ARG C 31 -16.14 1.71 12.16
N ARG C 32 -16.72 2.60 12.96
CA ARG C 32 -16.00 3.22 14.07
C ARG C 32 -15.83 2.31 15.27
N GLN C 33 -16.25 1.05 15.12
CA GLN C 33 -16.14 0.08 16.21
C GLN C 33 -15.05 -0.94 15.91
N ILE C 34 -14.46 -0.83 14.73
CA ILE C 34 -13.45 -1.78 14.28
C ILE C 34 -12.00 -1.44 14.67
N LYS C 35 -11.26 -2.46 15.08
CA LYS C 35 -9.86 -2.27 15.45
C LYS C 35 -9.06 -3.47 14.97
N PRO C 36 -7.75 -3.29 14.75
CA PRO C 36 -6.92 -4.41 14.29
C PRO C 36 -7.06 -5.58 15.25
N GLY C 37 -7.14 -6.79 14.71
CA GLY C 37 -7.30 -7.95 15.56
C GLY C 37 -8.70 -8.49 15.39
N ASP C 38 -9.62 -7.62 14.97
CA ASP C 38 -11.01 -8.02 14.73
C ASP C 38 -11.05 -8.81 13.43
N ILE C 39 -12.19 -9.47 13.20
CA ILE C 39 -12.38 -10.26 11.99
C ILE C 39 -13.59 -9.73 11.23
N ILE C 40 -13.52 -9.75 9.91
CA ILE C 40 -14.65 -9.30 9.10
C ILE C 40 -15.12 -10.45 8.23
N ILE C 41 -16.42 -10.72 8.29
CA ILE C 41 -17.04 -11.77 7.48
C ILE C 41 -17.76 -11.06 6.35
N PHE C 42 -17.27 -11.24 5.13
CA PHE C 42 -17.84 -10.60 3.95
C PHE C 42 -18.91 -11.40 3.21
N GLU C 43 -19.93 -10.68 2.77
CA GLU C 43 -21.04 -11.22 1.99
C GLU C 43 -21.56 -12.59 2.42
N GLY C 44 -22.04 -12.67 3.66
CA GLY C 44 -22.60 -13.91 4.17
C GLY C 44 -21.69 -15.12 4.27
N GLY C 45 -20.39 -14.89 4.48
CA GLY C 45 -19.47 -16.00 4.62
C GLY C 45 -18.66 -16.39 3.40
N LYS C 46 -18.78 -15.63 2.31
CA LYS C 46 -18.02 -15.93 1.11
C LYS C 46 -16.54 -15.65 1.30
N LEU C 47 -16.23 -14.84 2.31
CA LEU C 47 -14.85 -14.49 2.60
C LEU C 47 -14.68 -13.95 4.02
N LYS C 48 -13.65 -14.41 4.71
CA LYS C 48 -13.35 -13.98 6.07
C LYS C 48 -11.94 -13.38 6.05
N VAL C 49 -11.78 -12.24 6.71
CA VAL C 49 -10.47 -11.59 6.76
C VAL C 49 -10.14 -11.10 8.16
N LYS C 50 -8.85 -10.91 8.42
CA LYS C 50 -8.38 -10.39 9.70
C LYS C 50 -8.11 -8.91 9.45
N VAL C 51 -8.50 -8.06 10.39
CA VAL C 51 -8.24 -6.64 10.26
C VAL C 51 -6.81 -6.41 10.76
N LYS C 52 -5.96 -5.88 9.89
CA LYS C 52 -4.56 -5.64 10.23
C LYS C 52 -4.25 -4.20 10.56
N GLY C 53 -5.06 -3.28 10.04
CA GLY C 53 -4.81 -1.87 10.30
C GLY C 53 -6.02 -1.01 10.01
N ILE C 54 -6.03 0.19 10.57
CA ILE C 54 -7.12 1.14 10.38
C ILE C 54 -6.54 2.54 10.21
N ARG C 55 -6.84 3.18 9.08
CA ARG C 55 -6.36 4.53 8.80
C ARG C 55 -7.51 5.36 8.24
N VAL C 56 -7.76 6.51 8.86
CA VAL C 56 -8.86 7.38 8.45
C VAL C 56 -8.46 8.62 7.68
N TYR C 57 -9.24 8.94 6.65
CA TYR C 57 -9.01 10.09 5.78
C TYR C 57 -10.28 10.92 5.69
N SER C 58 -10.19 12.08 5.04
CA SER C 58 -11.35 12.95 4.91
C SER C 58 -12.16 12.71 3.65
N SER C 59 -11.59 11.99 2.69
CA SER C 59 -12.29 11.72 1.43
C SER C 59 -11.80 10.45 0.77
N PHE C 60 -12.60 9.95 -0.18
CA PHE C 60 -12.23 8.75 -0.90
C PHE C 60 -11.03 9.08 -1.78
N LYS C 61 -11.02 10.29 -2.33
CA LYS C 61 -9.90 10.72 -3.19
C LYS C 61 -8.60 10.65 -2.40
N GLU C 62 -8.60 11.22 -1.20
CA GLU C 62 -7.40 11.20 -0.37
C GLU C 62 -7.01 9.78 0.02
N MET C 63 -7.99 8.98 0.42
CA MET C 63 -7.72 7.60 0.81
C MET C 63 -7.06 6.84 -0.33
N LEU C 64 -7.58 7.00 -1.54
CA LEU C 64 -7.01 6.31 -2.70
C LEU C 64 -5.59 6.79 -3.00
N GLU C 65 -5.37 8.10 -2.95
CA GLU C 65 -4.04 8.65 -3.22
C GLU C 65 -3.02 8.22 -2.18
N LYS C 66 -3.45 8.13 -0.92
CA LYS C 66 -2.56 7.74 0.18
C LYS C 66 -2.35 6.23 0.29
N GLU C 67 -3.40 5.45 0.10
CA GLU C 67 -3.28 3.99 0.21
C GLU C 67 -2.86 3.33 -1.10
N GLY C 68 -3.11 4.01 -2.22
CA GLY C 68 -2.73 3.46 -3.51
C GLY C 68 -3.83 2.68 -4.21
N ILE C 69 -4.16 3.10 -5.43
CA ILE C 69 -5.20 2.44 -6.21
C ILE C 69 -5.02 0.93 -6.33
N GLU C 70 -3.80 0.48 -6.60
CA GLU C 70 -3.56 -0.95 -6.76
C GLU C 70 -3.78 -1.77 -5.50
N ASN C 71 -3.80 -1.12 -4.34
CA ASN C 71 -4.02 -1.84 -3.09
C ASN C 71 -5.47 -1.80 -2.65
N VAL C 72 -6.24 -0.88 -3.24
CA VAL C 72 -7.65 -0.73 -2.88
C VAL C 72 -8.62 -1.20 -3.96
N LEU C 73 -8.43 -0.69 -5.19
CA LEU C 73 -9.27 -1.06 -6.32
C LEU C 73 -8.38 -1.52 -7.47
N PRO C 74 -7.82 -2.73 -7.36
CA PRO C 74 -6.95 -3.27 -8.42
C PRO C 74 -7.54 -3.11 -9.82
N GLY C 75 -6.71 -2.62 -10.74
CA GLY C 75 -7.17 -2.45 -12.11
C GLY C 75 -7.76 -1.09 -12.46
N VAL C 76 -8.15 -0.31 -11.46
CA VAL C 76 -8.71 1.01 -11.74
C VAL C 76 -7.55 1.88 -12.24
N LYS C 77 -7.78 2.60 -13.33
CA LYS C 77 -6.72 3.39 -13.94
C LYS C 77 -6.49 4.84 -13.54
N SER C 78 -7.37 5.40 -12.72
CA SER C 78 -7.18 6.78 -12.29
C SER C 78 -7.87 7.02 -10.96
N ILE C 79 -7.40 8.03 -10.24
CA ILE C 79 -7.99 8.38 -8.96
C ILE C 79 -9.45 8.77 -9.18
N GLU C 80 -9.71 9.51 -10.27
CA GLU C 80 -11.08 9.94 -10.58
C GLU C 80 -11.99 8.73 -10.78
N GLU C 81 -11.49 7.72 -11.48
CA GLU C 81 -12.26 6.50 -11.74
C GLU C 81 -12.56 5.82 -10.40
N GLY C 82 -11.57 5.84 -9.51
CA GLY C 82 -11.73 5.24 -8.20
C GLY C 82 -12.81 5.91 -7.38
N VAL C 83 -12.83 7.25 -7.40
CA VAL C 83 -13.82 7.99 -6.64
C VAL C 83 -15.22 7.65 -7.18
N LYS C 84 -15.32 7.50 -8.51
CA LYS C 84 -16.59 7.15 -9.13
C LYS C 84 -17.10 5.82 -8.58
N VAL C 85 -16.19 4.87 -8.39
CA VAL C 85 -16.55 3.56 -7.86
C VAL C 85 -17.21 3.76 -6.49
N TYR C 86 -16.61 4.57 -5.64
CA TYR C 86 -17.18 4.80 -4.32
C TYR C 86 -18.48 5.61 -4.35
N ARG C 87 -18.60 6.52 -5.31
CA ARG C 87 -19.81 7.35 -5.40
C ARG C 87 -21.03 6.49 -5.71
N GLN C 88 -20.81 5.27 -6.19
CA GLN C 88 -21.92 4.36 -6.50
C GLN C 88 -22.60 3.95 -5.20
N PHE C 89 -21.81 3.83 -4.14
CA PHE C 89 -22.29 3.40 -2.83
C PHE C 89 -22.49 4.50 -1.79
N TYR C 90 -21.64 5.52 -1.85
CA TYR C 90 -21.67 6.58 -0.84
C TYR C 90 -21.78 8.01 -1.37
N ASP C 91 -22.76 8.74 -0.87
CA ASP C 91 -22.97 10.12 -1.30
C ASP C 91 -21.97 11.07 -0.66
N GLU C 92 -21.83 12.24 -1.25
CA GLU C 92 -20.90 13.24 -0.77
C GLU C 92 -21.20 13.75 0.64
N GLU C 93 -22.48 13.85 0.99
CA GLU C 93 -22.84 14.34 2.33
C GLU C 93 -22.35 13.38 3.42
N ARG C 94 -22.53 12.08 3.21
CA ARG C 94 -22.08 11.10 4.21
C ARG C 94 -20.56 11.11 4.27
N GLU C 95 -19.92 11.21 3.11
CA GLU C 95 -18.46 11.23 3.04
C GLU C 95 -17.91 12.40 3.86
N LYS C 96 -18.53 13.57 3.71
CA LYS C 96 -18.10 14.75 4.43
C LYS C 96 -18.40 14.66 5.93
N LYS C 97 -19.54 14.05 6.27
CA LYS C 97 -19.94 13.92 7.66
C LYS C 97 -19.12 12.91 8.47
N TYR C 98 -18.83 11.78 7.84
CA TYR C 98 -18.11 10.70 8.53
C TYR C 98 -16.63 10.55 8.27
N GLY C 99 -16.19 10.87 7.06
CA GLY C 99 -14.80 10.68 6.74
C GLY C 99 -14.74 9.30 6.10
N VAL C 100 -13.55 8.84 5.72
CA VAL C 100 -13.40 7.56 5.05
C VAL C 100 -12.32 6.71 5.72
N VAL C 101 -12.59 5.42 5.88
CA VAL C 101 -11.62 4.54 6.51
C VAL C 101 -11.04 3.49 5.58
N ALA C 102 -9.74 3.26 5.73
CA ALA C 102 -9.03 2.26 4.97
C ALA C 102 -8.79 1.14 5.96
N ILE C 103 -9.41 -0.01 5.72
CA ILE C 103 -9.25 -1.17 6.59
C ILE C 103 -8.26 -2.12 5.93
N GLU C 104 -7.06 -2.25 6.50
CA GLU C 104 -6.08 -3.17 5.94
C GLU C 104 -6.54 -4.56 6.35
N ILE C 105 -6.64 -5.45 5.37
CA ILE C 105 -7.12 -6.79 5.63
C ILE C 105 -6.26 -7.90 5.09
N GLU C 106 -6.42 -9.07 5.68
CA GLU C 106 -5.67 -10.26 5.27
C GLU C 106 -6.67 -11.42 5.23
N PRO C 107 -6.78 -12.09 4.08
CA PRO C 107 -7.72 -13.20 3.99
C PRO C 107 -7.36 -14.36 4.92
N ILE C 108 -8.39 -14.99 5.47
CA ILE C 108 -8.20 -16.14 6.35
C ILE C 108 -8.60 -17.36 5.52
N GLU C 109 -7.73 -18.36 5.47
CA GLU C 109 -8.01 -19.56 4.68
C GLU C 109 -9.05 -20.48 5.33
N MET D 1 -16.18 19.59 13.34
CA MET D 1 -16.62 19.45 14.76
C MET D 1 -15.48 19.78 15.72
N LYS D 2 -15.84 20.26 16.90
CA LYS D 2 -14.87 20.61 17.92
C LYS D 2 -15.00 19.66 19.11
N TRP D 3 -13.88 19.13 19.58
CA TRP D 3 -13.89 18.20 20.71
C TRP D 3 -13.04 18.72 21.85
N GLU D 4 -13.51 18.49 23.07
CA GLU D 4 -12.82 18.92 24.28
C GLU D 4 -12.24 17.70 25.00
N MET D 5 -10.97 17.77 25.38
CA MET D 5 -10.35 16.66 26.11
C MET D 5 -9.11 17.12 26.86
N GLY D 6 -8.84 16.46 27.98
CA GLY D 6 -7.69 16.81 28.79
C GLY D 6 -6.34 16.46 28.19
N LEU D 7 -5.31 17.11 28.71
CA LEU D 7 -3.94 16.87 28.28
C LEU D 7 -2.99 17.39 29.35
N GLN D 8 -2.02 16.58 29.75
CA GLN D 8 -1.05 16.99 30.76
C GLN D 8 -0.18 18.13 30.22
N GLU D 9 0.18 19.05 31.11
CA GLU D 9 0.98 20.22 30.73
C GLU D 9 2.23 19.91 29.91
N GLU D 10 2.98 18.89 30.31
CA GLU D 10 4.21 18.55 29.60
C GLU D 10 4.01 18.28 28.12
N TYR D 11 2.87 17.72 27.75
CA TYR D 11 2.59 17.41 26.36
C TYR D 11 2.14 18.63 25.55
N ILE D 12 1.54 19.59 26.24
CA ILE D 12 1.09 20.81 25.58
C ILE D 12 2.30 21.51 24.97
N GLU D 13 3.37 21.61 25.76
CA GLU D 13 4.59 22.25 25.30
C GLU D 13 5.21 21.52 24.12
N LEU D 14 5.24 20.19 24.19
CA LEU D 14 5.82 19.37 23.12
C LEU D 14 5.04 19.46 21.81
N ILE D 15 3.73 19.60 21.90
CA ILE D 15 2.91 19.70 20.69
C ILE D 15 3.13 21.06 20.04
N LYS D 16 3.22 22.09 20.86
CA LYS D 16 3.45 23.44 20.34
C LYS D 16 4.87 23.54 19.80
N ALA D 17 5.76 22.75 20.38
CA ALA D 17 7.16 22.73 19.96
C ALA D 17 7.34 21.91 18.69
N GLY D 18 6.27 21.26 18.24
CA GLY D 18 6.33 20.45 17.04
C GLY D 18 6.97 19.09 17.24
N LYS D 19 7.27 18.75 18.49
CA LYS D 19 7.89 17.46 18.81
C LYS D 19 6.85 16.35 18.82
N LYS D 20 5.79 16.57 19.60
CA LYS D 20 4.70 15.60 19.71
C LYS D 20 3.72 15.88 18.58
N LYS D 21 3.68 15.00 17.59
CA LYS D 21 2.81 15.17 16.44
C LYS D 21 1.63 14.19 16.46
N ILE D 22 1.61 13.34 17.48
CA ILE D 22 0.57 12.34 17.62
C ILE D 22 0.09 12.28 19.07
N GLU D 23 -1.22 12.19 19.27
CA GLU D 23 -1.76 12.06 20.62
C GLU D 23 -2.32 10.65 20.71
N GLY D 24 -1.81 9.89 21.68
CA GLY D 24 -2.27 8.53 21.88
C GLY D 24 -3.28 8.48 23.00
N ARG D 25 -4.33 7.69 22.81
CA ARG D 25 -5.38 7.54 23.81
C ARG D 25 -6.11 6.24 23.59
N LEU D 26 -7.02 5.90 24.50
CA LEU D 26 -7.82 4.70 24.33
C LEU D 26 -8.81 5.06 23.22
N TYR D 27 -9.16 4.07 22.41
CA TYR D 27 -10.12 4.30 21.33
C TYR D 27 -11.48 4.09 22.00
N ASP D 28 -11.81 5.01 22.91
CA ASP D 28 -13.05 4.96 23.68
C ASP D 28 -14.20 5.71 23.02
N GLU D 29 -15.33 5.81 23.73
CA GLU D 29 -16.51 6.45 23.16
C GLU D 29 -16.28 7.81 22.52
N LYS D 30 -15.64 8.73 23.24
CA LYS D 30 -15.41 10.06 22.68
C LYS D 30 -14.41 10.03 21.53
N ARG D 31 -13.36 9.23 21.67
CA ARG D 31 -12.33 9.15 20.64
C ARG D 31 -12.78 8.42 19.37
N ARG D 32 -13.93 7.74 19.42
CA ARG D 32 -14.46 7.04 18.24
C ARG D 32 -15.39 7.95 17.43
N GLN D 33 -15.52 9.20 17.86
CA GLN D 33 -16.41 10.15 17.17
C GLN D 33 -15.68 11.22 16.37
N ILE D 34 -14.36 11.19 16.40
CA ILE D 34 -13.54 12.18 15.72
C ILE D 34 -13.26 11.83 14.25
N LYS D 35 -12.95 12.84 13.45
CA LYS D 35 -12.64 12.64 12.05
C LYS D 35 -11.67 13.70 11.56
N PRO D 36 -10.87 13.38 10.53
CA PRO D 36 -9.90 14.34 9.99
C PRO D 36 -10.61 15.64 9.67
N GLY D 37 -10.01 16.77 10.02
CA GLY D 37 -10.63 18.04 9.77
C GLY D 37 -11.22 18.64 11.03
N ASP D 38 -11.52 17.78 12.00
CA ASP D 38 -12.07 18.24 13.27
C ASP D 38 -11.02 19.01 14.05
N ILE D 39 -11.46 19.69 15.10
CA ILE D 39 -10.57 20.46 15.95
C ILE D 39 -10.65 19.91 17.37
N ILE D 40 -9.51 19.89 18.06
CA ILE D 40 -9.49 19.42 19.43
C ILE D 40 -9.02 20.54 20.35
N ILE D 41 -9.80 20.79 21.38
CA ILE D 41 -9.49 21.81 22.37
C ILE D 41 -8.95 21.07 23.59
N PHE D 42 -7.65 21.20 23.83
CA PHE D 42 -7.01 20.52 24.96
C PHE D 42 -7.04 21.32 26.25
N GLU D 43 -7.37 20.63 27.33
CA GLU D 43 -7.40 21.20 28.67
C GLU D 43 -8.10 22.57 28.76
N GLY D 44 -9.37 22.61 28.37
CA GLY D 44 -10.14 23.84 28.45
C GLY D 44 -9.68 25.01 27.60
N GLY D 45 -8.78 24.77 26.65
CA GLY D 45 -8.33 25.85 25.79
C GLY D 45 -6.87 26.21 25.87
N LYS D 46 -6.10 25.44 26.64
CA LYS D 46 -4.68 25.72 26.78
C LYS D 46 -3.96 25.44 25.47
N LEU D 47 -4.59 24.66 24.60
CA LEU D 47 -4.01 24.32 23.30
C LEU D 47 -5.10 23.85 22.34
N LYS D 48 -5.02 24.35 21.11
CA LYS D 48 -5.98 23.97 20.06
C LYS D 48 -5.22 23.38 18.88
N VAL D 49 -5.69 22.25 18.39
CA VAL D 49 -5.04 21.59 17.26
C VAL D 49 -6.06 21.12 16.23
N LYS D 50 -5.58 20.89 15.01
CA LYS D 50 -6.43 20.39 13.94
C LYS D 50 -6.11 18.92 13.75
N VAL D 51 -7.15 18.10 13.60
CA VAL D 51 -6.96 16.67 13.40
C VAL D 51 -6.62 16.43 11.93
N LYS D 52 -5.45 15.83 11.69
CA LYS D 52 -5.01 15.57 10.31
C LYS D 52 -5.20 14.12 9.87
N GLY D 53 -5.32 13.21 10.83
CA GLY D 53 -5.49 11.82 10.49
C GLY D 53 -5.74 11.02 11.74
N ILE D 54 -6.23 9.80 11.56
CA ILE D 54 -6.52 8.92 12.68
C ILE D 54 -6.15 7.47 12.34
N ARG D 55 -5.42 6.83 13.23
CA ARG D 55 -5.03 5.44 13.06
C ARG D 55 -5.51 4.70 14.30
N VAL D 56 -5.93 3.44 14.13
CA VAL D 56 -6.39 2.65 15.25
C VAL D 56 -5.53 1.40 15.35
N TYR D 57 -5.12 1.07 16.57
CA TYR D 57 -4.27 -0.08 16.83
C TYR D 57 -4.86 -0.98 17.91
N SER D 58 -4.34 -2.20 18.00
CA SER D 58 -4.82 -3.13 19.00
C SER D 58 -4.20 -2.87 20.36
N SER D 59 -3.05 -2.18 20.37
CA SER D 59 -2.35 -1.90 21.63
C SER D 59 -1.48 -0.65 21.58
N PHE D 60 -1.04 -0.20 22.75
CA PHE D 60 -0.18 0.96 22.81
C PHE D 60 1.16 0.57 22.20
N LYS D 61 1.58 -0.67 22.44
CA LYS D 61 2.84 -1.16 21.91
C LYS D 61 2.85 -1.03 20.39
N GLU D 62 1.81 -1.57 19.75
CA GLU D 62 1.66 -1.53 18.30
C GLU D 62 1.61 -0.11 17.77
N MET D 63 0.85 0.75 18.47
CA MET D 63 0.72 2.15 18.07
C MET D 63 2.06 2.87 18.10
N LEU D 64 2.79 2.72 19.20
CA LEU D 64 4.09 3.37 19.34
C LEU D 64 5.11 2.90 18.31
N GLU D 65 5.09 1.61 18.00
CA GLU D 65 6.03 1.04 17.02
C GLU D 65 5.80 1.59 15.61
N LYS D 66 4.53 1.74 15.23
CA LYS D 66 4.20 2.22 13.90
C LYS D 66 4.28 3.75 13.78
N GLU D 67 3.83 4.46 14.80
CA GLU D 67 3.85 5.91 14.77
C GLU D 67 5.20 6.53 15.09
N GLY D 68 6.06 5.77 15.75
CA GLY D 68 7.38 6.28 16.13
C GLY D 68 7.26 6.91 17.50
N ILE D 69 7.82 6.26 18.51
CA ILE D 69 7.72 6.76 19.87
C ILE D 69 8.17 8.21 20.05
N GLU D 70 9.13 8.65 19.23
CA GLU D 70 9.63 10.02 19.33
C GLU D 70 8.58 11.03 18.90
N ASN D 71 7.60 10.58 18.11
CA ASN D 71 6.53 11.45 17.62
C ASN D 71 5.35 11.47 18.58
N VAL D 72 5.29 10.47 19.45
CA VAL D 72 4.18 10.35 20.40
C VAL D 72 4.58 10.75 21.81
N LEU D 73 5.68 10.19 22.30
CA LEU D 73 6.18 10.48 23.63
C LEU D 73 7.63 10.92 23.52
N PRO D 74 7.86 12.16 23.09
CA PRO D 74 9.23 12.70 22.95
C PRO D 74 10.05 12.50 24.22
N GLY D 75 11.26 11.95 24.05
CA GLY D 75 12.12 11.73 25.20
C GLY D 75 12.16 10.30 25.71
N VAL D 76 11.05 9.59 25.61
CA VAL D 76 11.00 8.20 26.06
C VAL D 76 11.90 7.37 25.16
N LYS D 77 12.82 6.64 25.77
CA LYS D 77 13.81 5.85 25.06
C LYS D 77 13.37 4.51 24.46
N SER D 78 12.45 3.81 25.12
CA SER D 78 12.02 2.51 24.61
C SER D 78 10.51 2.35 24.57
N ILE D 79 10.05 1.42 23.73
CA ILE D 79 8.63 1.12 23.59
C ILE D 79 8.13 0.61 24.93
N GLU D 80 8.97 -0.15 25.61
CA GLU D 80 8.63 -0.72 26.91
C GLU D 80 8.27 0.40 27.88
N GLU D 81 9.08 1.45 27.89
CA GLU D 81 8.84 2.59 28.77
C GLU D 81 7.63 3.39 28.31
N GLY D 82 7.38 3.39 27.01
CA GLY D 82 6.24 4.11 26.47
C GLY D 82 4.96 3.46 26.95
N VAL D 83 4.93 2.14 26.89
CA VAL D 83 3.77 1.38 27.33
C VAL D 83 3.52 1.70 28.81
N LYS D 84 4.58 1.80 29.58
CA LYS D 84 4.47 2.11 31.00
C LYS D 84 3.82 3.47 31.23
N VAL D 85 4.12 4.41 30.35
CA VAL D 85 3.54 5.75 30.45
C VAL D 85 2.02 5.63 30.35
N TYR D 86 1.55 4.88 29.36
CA TYR D 86 0.12 4.70 29.17
C TYR D 86 -0.51 3.85 30.26
N ARG D 87 0.23 2.84 30.72
CA ARG D 87 -0.26 1.95 31.76
C ARG D 87 -0.60 2.70 33.04
N GLN D 88 -0.11 3.93 33.16
CA GLN D 88 -0.39 4.74 34.34
C GLN D 88 -1.80 5.33 34.29
N PHE D 89 -2.37 5.37 33.08
CA PHE D 89 -3.71 5.92 32.90
C PHE D 89 -4.75 4.89 32.52
N TYR D 90 -4.34 3.87 31.77
CA TYR D 90 -5.27 2.85 31.30
C TYR D 90 -4.78 1.42 31.54
N ASP D 91 -5.66 0.60 32.11
CA ASP D 91 -5.33 -0.79 32.39
C ASP D 91 -5.31 -1.59 31.10
N GLU D 92 -4.71 -2.78 31.15
CA GLU D 92 -4.62 -3.65 29.98
C GLU D 92 -5.99 -4.12 29.51
N GLU D 93 -6.92 -4.30 30.44
CA GLU D 93 -8.25 -4.77 30.09
C GLU D 93 -8.98 -3.78 29.17
N ARG D 94 -8.95 -2.50 29.53
CA ARG D 94 -9.60 -1.48 28.71
C ARG D 94 -8.86 -1.33 27.40
N GLU D 95 -7.53 -1.47 27.46
CA GLU D 95 -6.71 -1.35 26.26
C GLU D 95 -7.14 -2.41 25.24
N LYS D 96 -7.29 -3.65 25.70
CA LYS D 96 -7.68 -4.75 24.83
C LYS D 96 -9.12 -4.59 24.35
N LYS D 97 -9.98 -4.11 25.25
CA LYS D 97 -11.39 -3.92 24.92
C LYS D 97 -11.67 -2.84 23.88
N TYR D 98 -11.09 -1.66 24.06
CA TYR D 98 -11.30 -0.53 23.16
C TYR D 98 -10.34 -0.42 21.98
N GLY D 99 -9.11 -0.83 22.20
CA GLY D 99 -8.11 -0.67 21.15
C GLY D 99 -7.49 0.69 21.45
N VAL D 100 -6.53 1.11 20.64
CA VAL D 100 -5.83 2.38 20.87
C VAL D 100 -5.89 3.28 19.65
N VAL D 101 -6.06 4.58 19.89
CA VAL D 101 -6.13 5.53 18.79
C VAL D 101 -4.90 6.44 18.74
N ALA D 102 -4.44 6.71 17.53
CA ALA D 102 -3.32 7.62 17.32
C ALA D 102 -3.94 8.78 16.54
N ILE D 103 -3.94 9.96 17.14
CA ILE D 103 -4.52 11.14 16.51
C ILE D 103 -3.42 12.04 15.97
N GLU D 104 -3.36 12.17 14.65
CA GLU D 104 -2.35 13.01 14.00
C GLU D 104 -2.85 14.44 14.19
N ILE D 105 -2.04 15.27 14.83
CA ILE D 105 -2.45 16.64 15.11
C ILE D 105 -1.43 17.70 14.70
N GLU D 106 -1.94 18.90 14.43
CA GLU D 106 -1.14 20.04 14.04
C GLU D 106 -1.67 21.23 14.83
N PRO D 107 -0.82 21.89 15.62
CA PRO D 107 -1.26 23.05 16.41
C PRO D 107 -1.78 24.21 15.56
N ILE D 108 -2.73 24.96 16.12
CA ILE D 108 -3.30 26.10 15.43
C ILE D 108 -2.73 27.41 15.99
#